data_3O63
#
_entry.id   3O63
#
_cell.length_a   83.610
_cell.length_b   91.370
_cell.length_c   124.620
_cell.angle_alpha   90.00
_cell.angle_beta   90.00
_cell.angle_gamma   90.00
#
_symmetry.space_group_name_H-M   'C 2 2 21'
#
loop_
_entity.id
_entity.type
_entity.pdbx_description
1 polymer 'Probable thiamine-phosphate pyrophosphorylase'
2 non-polymer 'PHOSPHATE ION'
3 water water
#
_entity_poly.entity_id   1
_entity_poly.type   'polypeptide(L)'
_entity_poly.pdbx_seq_one_letter_code
;MGSSHHHHHHSSGENLYFQGHMHESRLASARLYLCTDARRERGDLAQFAEAALAGGVDIIQLRDKGSPGELRFGPLQARD
ELAACEILADAAHRYGALFAVNDRADIARAAGADVLHLGQRDLPVNVARQILAPDTLIGRSTHDPDQVAAAAAGDADYFC
VGPCWPTPTKPGRAAPGLGLVRVAAELGGDDKPWFAIGGINAQRLPAVLDAGARRIVVVRAITSADDPRAAAEQLRSALT
AAN
;
_entity_poly.pdbx_strand_id   A,B
#
# COMPACT_ATOMS: atom_id res chain seq x y z
N HIS A 21 16.29 -3.63 6.80
CA HIS A 21 16.25 -4.69 5.76
C HIS A 21 15.05 -4.47 4.83
N MET A 22 13.87 -4.81 5.34
CA MET A 22 12.65 -4.66 4.59
C MET A 22 12.24 -3.20 4.43
N HIS A 23 12.66 -2.37 5.38
CA HIS A 23 12.32 -0.95 5.33
C HIS A 23 12.83 -0.25 4.09
N GLU A 24 14.07 -0.53 3.70
CA GLU A 24 14.65 0.08 2.51
C GLU A 24 13.78 -0.23 1.29
N SER A 25 13.35 -1.48 1.21
CA SER A 25 12.50 -1.97 0.13
C SER A 25 11.16 -1.25 0.11
N ARG A 26 10.56 -1.06 1.29
CA ARG A 26 9.27 -0.39 1.36
C ARG A 26 9.44 1.08 1.03
N LEU A 27 10.52 1.68 1.53
CA LEU A 27 10.81 3.08 1.28
C LEU A 27 11.05 3.29 -0.22
N ALA A 28 11.87 2.42 -0.80
CA ALA A 28 12.22 2.48 -2.22
C ALA A 28 11.01 2.63 -3.14
N SER A 29 9.88 2.06 -2.75
CA SER A 29 8.69 2.12 -3.59
C SER A 29 7.68 3.16 -3.14
N ALA A 30 7.84 3.68 -1.92
CA ALA A 30 6.92 4.67 -1.40
C ALA A 30 6.83 5.93 -2.27
N ARG A 31 5.60 6.36 -2.54
CA ARG A 31 5.37 7.55 -3.35
C ARG A 31 4.56 8.62 -2.61
N LEU A 32 3.68 8.18 -1.72
CA LEU A 32 2.85 9.12 -0.96
C LEU A 32 3.24 9.16 0.53
N TYR A 33 3.87 10.27 0.92
CA TYR A 33 4.35 10.50 2.28
C TYR A 33 3.44 11.49 3.01
N LEU A 34 3.00 11.15 4.21
CA LEU A 34 2.13 12.02 4.99
C LEU A 34 2.70 12.41 6.34
N CYS A 35 2.62 13.68 6.68
CA CYS A 35 3.07 14.20 7.97
C CYS A 35 1.82 14.66 8.71
N THR A 36 1.62 14.17 9.92
CA THR A 36 0.43 14.55 10.69
C THR A 36 0.78 14.92 12.12
N ASP A 37 0.05 15.88 12.67
CA ASP A 37 0.23 16.30 14.06
C ASP A 37 -0.58 15.29 14.85
N ALA A 38 -0.42 15.30 16.18
CA ALA A 38 -1.12 14.37 17.06
C ALA A 38 -2.64 14.55 17.08
N ARG A 39 -3.10 15.69 16.55
CA ARG A 39 -4.53 16.00 16.50
C ARG A 39 -5.18 15.95 17.89
N ARG A 40 -4.47 16.46 18.89
CA ARG A 40 -4.97 16.48 20.27
C ARG A 40 -6.29 17.24 20.43
N GLU A 41 -6.54 18.23 19.59
CA GLU A 41 -7.77 19.00 19.70
C GLU A 41 -8.98 18.34 19.06
N ARG A 42 -8.76 17.25 18.34
CA ARG A 42 -9.85 16.56 17.67
C ARG A 42 -10.08 15.16 18.25
N GLY A 43 -9.04 14.59 18.83
CA GLY A 43 -9.13 13.27 19.43
C GLY A 43 -9.48 12.14 18.48
N ASP A 44 -9.27 12.33 17.18
CA ASP A 44 -9.58 11.30 16.19
C ASP A 44 -8.33 10.78 15.48
N LEU A 45 -7.21 10.81 16.18
CA LEU A 45 -5.98 10.36 15.56
C LEU A 45 -6.09 8.96 14.95
N ALA A 46 -6.45 7.99 15.78
CA ALA A 46 -6.56 6.62 15.32
C ALA A 46 -7.42 6.49 14.05
N GLN A 47 -8.66 6.96 14.12
CA GLN A 47 -9.55 6.89 12.95
C GLN A 47 -9.00 7.67 11.76
N PHE A 48 -8.40 8.81 12.02
CA PHE A 48 -7.82 9.60 10.93
C PHE A 48 -6.70 8.87 10.20
N ALA A 49 -5.84 8.20 10.96
CA ALA A 49 -4.74 7.45 10.37
C ALA A 49 -5.26 6.25 9.57
N GLU A 50 -6.33 5.62 10.07
CA GLU A 50 -6.94 4.48 9.37
C GLU A 50 -7.36 4.94 7.99
N ALA A 51 -8.17 6.00 7.98
CA ALA A 51 -8.68 6.55 6.74
C ALA A 51 -7.54 6.85 5.76
N ALA A 52 -6.54 7.59 6.22
CA ALA A 52 -5.42 7.96 5.37
C ALA A 52 -4.58 6.78 4.86
N LEU A 53 -4.33 5.80 5.73
CA LEU A 53 -3.55 4.63 5.32
C LEU A 53 -4.38 3.74 4.39
N ALA A 54 -5.69 3.69 4.61
CA ALA A 54 -6.56 2.89 3.75
C ALA A 54 -6.62 3.58 2.40
N GLY A 55 -6.24 4.84 2.37
CA GLY A 55 -6.27 5.60 1.13
C GLY A 55 -5.00 5.53 0.29
N GLY A 56 -3.99 4.79 0.77
CA GLY A 56 -2.78 4.67 -0.02
C GLY A 56 -1.50 5.29 0.52
N VAL A 57 -1.56 5.93 1.68
CA VAL A 57 -0.37 6.53 2.27
C VAL A 57 0.67 5.45 2.53
N ASP A 58 1.88 5.64 2.00
CA ASP A 58 2.97 4.67 2.14
C ASP A 58 3.82 4.87 3.39
N ILE A 59 3.94 6.13 3.80
CA ILE A 59 4.74 6.48 4.96
C ILE A 59 4.00 7.56 5.71
N ILE A 60 3.91 7.40 7.03
CA ILE A 60 3.23 8.41 7.83
C ILE A 60 4.15 8.88 8.96
N GLN A 61 4.31 10.21 9.07
CA GLN A 61 5.17 10.79 10.08
C GLN A 61 4.45 11.65 11.11
N LEU A 62 4.77 11.44 12.38
CA LEU A 62 4.20 12.25 13.44
C LEU A 62 5.06 13.52 13.56
N ARG A 63 4.47 14.66 13.25
CA ARG A 63 5.18 15.93 13.34
C ARG A 63 4.15 16.94 13.88
N ASP A 64 4.19 17.13 15.18
CA ASP A 64 3.24 18.00 15.89
C ASP A 64 3.63 19.47 15.95
N LYS A 65 4.90 19.76 15.72
CA LYS A 65 5.43 21.13 15.74
C LYS A 65 4.56 22.11 14.95
N GLY A 66 4.19 23.21 15.58
CA GLY A 66 3.37 24.22 14.91
C GLY A 66 1.95 23.84 14.59
N SER A 67 1.43 22.82 15.27
CA SER A 67 0.06 22.36 15.06
C SER A 67 -0.93 23.18 15.88
N PRO A 68 -2.24 23.00 15.62
CA PRO A 68 -3.23 23.74 16.39
C PRO A 68 -3.12 23.25 17.84
N GLY A 69 -2.78 21.98 17.99
CA GLY A 69 -2.64 21.41 19.31
C GLY A 69 -1.49 22.04 20.08
N GLU A 70 -0.38 22.30 19.39
CA GLU A 70 0.77 22.91 20.03
C GLU A 70 0.44 24.35 20.41
N LEU A 71 -0.36 25.01 19.58
CA LEU A 71 -0.76 26.39 19.86
C LEU A 71 -1.74 26.49 21.04
N ARG A 72 -2.57 25.47 21.23
CA ARG A 72 -3.55 25.48 22.31
C ARG A 72 -3.13 24.84 23.64
N PHE A 73 -2.26 23.84 23.58
CA PHE A 73 -1.84 23.16 24.80
C PHE A 73 -0.34 23.19 25.00
N GLY A 74 0.38 23.69 24.01
CA GLY A 74 1.82 23.76 24.10
C GLY A 74 2.49 22.54 23.48
N PRO A 75 3.84 22.53 23.42
CA PRO A 75 4.57 21.40 22.85
C PRO A 75 4.11 20.07 23.45
N LEU A 76 4.21 19.02 22.64
CA LEU A 76 3.80 17.68 23.05
C LEU A 76 4.83 17.08 24.00
N GLN A 77 4.37 16.58 25.14
CA GLN A 77 5.26 15.97 26.12
C GLN A 77 5.58 14.57 25.62
N ALA A 78 6.70 14.02 26.06
CA ALA A 78 7.12 12.69 25.65
C ALA A 78 6.09 11.57 25.85
N ARG A 79 5.47 11.53 27.02
CA ARG A 79 4.48 10.50 27.34
C ARG A 79 3.35 10.50 26.32
N ASP A 80 2.79 11.68 26.07
CA ASP A 80 1.71 11.81 25.10
C ASP A 80 2.23 11.48 23.70
N GLU A 81 3.43 11.95 23.37
CA GLU A 81 3.98 11.67 22.06
C GLU A 81 4.12 10.16 21.84
N LEU A 82 4.59 9.44 22.84
CA LEU A 82 4.73 7.99 22.76
C LEU A 82 3.36 7.33 22.54
N ALA A 83 2.35 7.85 23.22
CA ALA A 83 0.99 7.33 23.08
C ALA A 83 0.53 7.47 21.62
N ALA A 84 0.78 8.64 21.03
CA ALA A 84 0.39 8.88 19.65
C ALA A 84 1.23 8.03 18.68
N CYS A 85 2.48 7.79 19.02
CA CYS A 85 3.35 6.96 18.18
C CYS A 85 2.83 5.52 18.11
N GLU A 86 2.38 5.00 19.26
CA GLU A 86 1.87 3.63 19.30
C GLU A 86 0.64 3.51 18.41
N ILE A 87 -0.22 4.52 18.46
CA ILE A 87 -1.40 4.49 17.62
C ILE A 87 -0.97 4.49 16.15
N LEU A 88 -0.15 5.46 15.77
CA LEU A 88 0.31 5.57 14.39
C LEU A 88 1.15 4.37 13.94
N ALA A 89 2.02 3.89 14.82
CA ALA A 89 2.88 2.76 14.47
C ALA A 89 2.07 1.49 14.21
N ASP A 90 1.04 1.27 15.02
CA ASP A 90 0.20 0.09 14.87
C ASP A 90 -0.63 0.13 13.59
N ALA A 91 -1.19 1.29 13.28
CA ALA A 91 -1.98 1.44 12.07
C ALA A 91 -1.08 1.27 10.84
N ALA A 92 0.07 1.95 10.84
CA ALA A 92 0.99 1.87 9.71
C ALA A 92 1.35 0.41 9.41
N HIS A 93 1.74 -0.32 10.43
CA HIS A 93 2.13 -1.70 10.26
C HIS A 93 0.99 -2.61 9.83
N ARG A 94 -0.23 -2.29 10.25
CA ARG A 94 -1.36 -3.10 9.84
C ARG A 94 -1.63 -2.90 8.35
N TYR A 95 -1.22 -1.75 7.81
CA TYR A 95 -1.45 -1.48 6.39
C TYR A 95 -0.20 -1.70 5.55
N GLY A 96 0.88 -2.16 6.18
CA GLY A 96 2.11 -2.39 5.45
C GLY A 96 2.84 -1.10 5.12
N ALA A 97 2.60 -0.05 5.91
CA ALA A 97 3.24 1.23 5.70
C ALA A 97 4.39 1.45 6.69
N LEU A 98 5.14 2.52 6.51
CA LEU A 98 6.25 2.81 7.40
C LEU A 98 5.85 3.91 8.39
N PHE A 99 6.37 3.83 9.60
CA PHE A 99 6.04 4.84 10.59
C PHE A 99 7.29 5.64 10.93
N ALA A 100 7.19 6.96 10.84
CA ALA A 100 8.32 7.84 11.12
C ALA A 100 8.04 8.82 12.26
N VAL A 101 9.10 9.13 13.00
CA VAL A 101 9.04 10.07 14.11
C VAL A 101 9.98 11.24 13.77
N ASN A 102 9.56 12.44 14.11
CA ASN A 102 10.35 13.64 13.82
C ASN A 102 11.29 14.11 14.94
N ASP A 103 12.55 14.34 14.57
CA ASP A 103 13.58 14.86 15.47
C ASP A 103 14.04 14.08 16.71
N ARG A 104 13.13 13.62 17.56
CA ARG A 104 13.57 12.90 18.76
C ARG A 104 13.97 11.46 18.57
N ALA A 105 15.27 11.21 18.66
CA ALA A 105 15.81 9.86 18.52
C ALA A 105 15.44 9.01 19.72
N ASP A 106 15.24 9.64 20.88
CA ASP A 106 14.87 8.86 22.05
C ASP A 106 13.42 8.35 21.94
N ILE A 107 12.54 9.20 21.42
CA ILE A 107 11.13 8.81 21.23
C ILE A 107 11.10 7.70 20.17
N ALA A 108 11.86 7.88 19.09
CA ALA A 108 11.90 6.91 18.01
C ALA A 108 12.30 5.52 18.49
N ARG A 109 13.30 5.46 19.35
CA ARG A 109 13.76 4.17 19.84
C ARG A 109 12.75 3.57 20.82
N ALA A 110 12.14 4.41 21.65
CA ALA A 110 11.15 3.94 22.61
C ALA A 110 9.90 3.44 21.88
N ALA A 111 9.56 4.09 20.77
CA ALA A 111 8.39 3.74 20.00
C ALA A 111 8.66 2.69 18.91
N GLY A 112 9.93 2.34 18.71
CA GLY A 112 10.26 1.38 17.68
C GLY A 112 9.89 1.88 16.29
N ALA A 113 10.03 3.18 16.04
CA ALA A 113 9.70 3.75 14.74
C ALA A 113 10.56 3.15 13.64
N ASP A 114 10.03 3.10 12.42
CA ASP A 114 10.80 2.58 11.30
C ASP A 114 11.70 3.68 10.76
N VAL A 115 11.31 4.93 11.01
CA VAL A 115 12.06 6.06 10.49
C VAL A 115 12.21 7.25 11.44
N LEU A 116 13.38 7.86 11.42
CA LEU A 116 13.64 9.05 12.21
C LEU A 116 13.92 10.13 11.18
N HIS A 117 13.08 11.17 11.17
CA HIS A 117 13.28 12.25 10.24
C HIS A 117 13.98 13.41 10.92
N LEU A 118 15.11 13.83 10.36
CA LEU A 118 15.89 14.92 10.92
C LEU A 118 15.99 16.13 10.00
N GLY A 119 15.44 17.26 10.43
CA GLY A 119 15.54 18.47 9.66
C GLY A 119 16.95 19.04 9.84
N GLN A 120 17.25 20.17 9.19
CA GLN A 120 18.58 20.77 9.31
C GLN A 120 18.91 21.23 10.73
N ARG A 121 17.91 21.70 11.48
CA ARG A 121 18.15 22.16 12.84
C ARG A 121 17.90 21.13 13.95
N ASP A 122 17.66 19.89 13.58
CA ASP A 122 17.41 18.85 14.58
C ASP A 122 18.73 18.16 14.92
N LEU A 123 18.63 17.09 15.69
CA LEU A 123 19.79 16.30 16.10
C LEU A 123 20.72 15.90 14.95
N PRO A 124 22.03 15.82 15.23
CA PRO A 124 22.99 15.44 14.18
C PRO A 124 22.78 13.97 13.82
N VAL A 125 22.83 13.66 12.53
CA VAL A 125 22.65 12.30 12.06
C VAL A 125 23.54 11.31 12.81
N ASN A 126 24.84 11.59 12.89
CA ASN A 126 25.76 10.70 13.55
C ASN A 126 25.41 10.45 15.02
N VAL A 127 24.74 11.43 15.64
CA VAL A 127 24.35 11.26 17.04
C VAL A 127 23.17 10.30 17.08
N ALA A 128 22.22 10.50 16.18
CA ALA A 128 21.05 9.65 16.10
C ALA A 128 21.42 8.19 15.80
N ARG A 129 22.40 7.98 14.91
CA ARG A 129 22.83 6.63 14.55
C ARG A 129 23.42 5.88 15.74
N GLN A 130 23.74 6.61 16.81
CA GLN A 130 24.30 6.02 18.03
C GLN A 130 23.20 5.44 18.91
N ILE A 131 22.03 6.07 18.84
CA ILE A 131 20.89 5.70 19.67
C ILE A 131 19.92 4.71 19.03
N LEU A 132 19.66 4.91 17.75
CA LEU A 132 18.71 4.08 17.02
C LEU A 132 19.15 2.66 16.72
N ALA A 133 18.18 1.76 16.72
CA ALA A 133 18.46 0.37 16.40
C ALA A 133 19.05 0.47 14.99
N PRO A 134 20.06 -0.35 14.68
CA PRO A 134 20.72 -0.34 13.36
C PRO A 134 19.85 -0.34 12.11
N ASP A 135 18.68 -0.96 12.17
CA ASP A 135 17.80 -1.03 11.00
C ASP A 135 16.87 0.17 10.79
N THR A 136 16.90 1.14 11.70
CA THR A 136 16.05 2.31 11.57
C THR A 136 16.55 3.17 10.40
N LEU A 137 15.63 3.74 9.64
CA LEU A 137 16.00 4.59 8.52
C LEU A 137 16.06 6.05 8.95
N ILE A 138 16.88 6.84 8.27
CA ILE A 138 16.99 8.25 8.58
C ILE A 138 16.69 9.11 7.37
N GLY A 139 15.88 10.14 7.58
CA GLY A 139 15.54 11.06 6.51
C GLY A 139 16.06 12.45 6.85
N ARG A 140 16.24 13.30 5.84
CA ARG A 140 16.72 14.65 6.07
C ARG A 140 15.92 15.67 5.26
N SER A 141 15.73 16.86 5.83
CA SER A 141 15.03 17.93 5.13
C SER A 141 16.11 18.78 4.45
N THR A 142 15.89 19.17 3.20
CA THR A 142 16.87 19.99 2.49
C THR A 142 16.17 21.22 1.94
N HIS A 143 16.86 22.36 1.97
CA HIS A 143 16.27 23.61 1.52
C HIS A 143 17.04 24.45 0.49
N ASP A 144 18.24 24.01 0.13
CA ASP A 144 19.03 24.70 -0.90
C ASP A 144 19.80 23.64 -1.66
N PRO A 145 20.45 24.02 -2.77
CA PRO A 145 21.21 23.06 -3.58
C PRO A 145 22.37 22.35 -2.87
N ASP A 146 22.98 22.99 -1.88
CA ASP A 146 24.08 22.37 -1.17
C ASP A 146 23.61 21.26 -0.23
N GLN A 147 22.48 21.48 0.43
CA GLN A 147 21.95 20.48 1.34
C GLN A 147 21.48 19.29 0.52
N VAL A 148 20.88 19.58 -0.63
CA VAL A 148 20.40 18.51 -1.50
C VAL A 148 21.60 17.65 -1.88
N ALA A 149 22.70 18.29 -2.24
CA ALA A 149 23.91 17.57 -2.63
C ALA A 149 24.45 16.76 -1.46
N ALA A 150 24.51 17.41 -0.30
CA ALA A 150 25.00 16.74 0.90
C ALA A 150 24.13 15.54 1.27
N ALA A 151 22.82 15.66 1.05
CA ALA A 151 21.90 14.57 1.39
C ALA A 151 22.00 13.41 0.41
N ALA A 152 22.09 13.74 -0.87
CA ALA A 152 22.20 12.71 -1.92
C ALA A 152 23.48 11.91 -1.78
N ALA A 153 24.54 12.57 -1.29
CA ALA A 153 25.83 11.92 -1.10
C ALA A 153 26.01 11.49 0.35
N GLY A 154 25.23 12.10 1.24
CA GLY A 154 25.33 11.79 2.66
C GLY A 154 24.98 10.38 3.09
N ASP A 155 24.82 10.24 4.39
CA ASP A 155 24.49 8.96 5.02
C ASP A 155 23.00 8.62 4.95
N ALA A 156 22.17 9.67 4.82
CA ALA A 156 20.71 9.57 4.76
C ALA A 156 20.13 8.46 3.88
N ASP A 157 18.96 7.95 4.31
CA ASP A 157 18.25 6.92 3.57
C ASP A 157 17.31 7.56 2.56
N TYR A 158 16.91 8.81 2.83
CA TYR A 158 16.06 9.55 1.91
C TYR A 158 16.10 11.00 2.37
N PHE A 159 15.59 11.90 1.54
CA PHE A 159 15.54 13.31 1.92
C PHE A 159 14.36 13.97 1.26
N CYS A 160 13.94 15.08 1.83
CA CYS A 160 12.81 15.87 1.34
C CYS A 160 13.39 17.13 0.72
N VAL A 161 12.67 17.71 -0.24
CA VAL A 161 13.12 18.91 -0.95
C VAL A 161 12.00 19.97 -0.98
N GLY A 162 12.24 21.10 -0.32
CA GLY A 162 11.25 22.16 -0.27
C GLY A 162 11.51 23.20 0.80
N PRO A 163 10.51 24.00 1.17
CA PRO A 163 9.13 24.04 0.69
C PRO A 163 8.95 24.56 -0.73
N CYS A 164 8.24 23.79 -1.55
CA CYS A 164 7.98 24.16 -2.93
C CYS A 164 7.13 25.41 -3.02
N TRP A 165 6.24 25.59 -2.05
CA TRP A 165 5.36 26.75 -1.99
C TRP A 165 5.51 27.46 -0.66
N PRO A 166 5.49 28.80 -0.69
CA PRO A 166 5.62 29.63 0.51
C PRO A 166 4.57 29.37 1.57
N THR A 167 4.95 29.66 2.81
CA THR A 167 4.09 29.50 3.97
C THR A 167 4.46 30.65 4.92
N PRO A 168 3.50 31.14 5.72
CA PRO A 168 3.77 32.25 6.65
C PRO A 168 5.15 32.18 7.32
N THR A 169 5.67 30.98 7.49
CA THR A 169 6.98 30.79 8.11
C THR A 169 8.06 31.36 7.17
N ALA A 175 11.25 30.49 0.33
CA ALA A 175 10.79 29.21 -0.19
C ALA A 175 11.52 28.85 -1.48
N PRO A 176 12.30 27.74 -1.45
CA PRO A 176 13.08 27.25 -2.59
C PRO A 176 12.34 27.15 -3.92
N GLY A 177 11.06 26.80 -3.85
CA GLY A 177 10.28 26.68 -5.07
C GLY A 177 10.64 25.46 -5.89
N LEU A 178 9.99 25.31 -7.04
CA LEU A 178 10.20 24.17 -7.92
C LEU A 178 11.59 24.10 -8.53
N GLY A 179 12.33 25.20 -8.44
CA GLY A 179 13.67 25.24 -8.99
C GLY A 179 14.55 24.23 -8.28
N LEU A 180 14.34 24.07 -6.97
CA LEU A 180 15.13 23.14 -6.17
C LEU A 180 14.72 21.70 -6.46
N VAL A 181 13.45 21.50 -6.77
CA VAL A 181 12.96 20.17 -7.09
C VAL A 181 13.68 19.72 -8.36
N ARG A 182 13.88 20.69 -9.25
CA ARG A 182 14.55 20.46 -10.53
C ARG A 182 15.99 20.04 -10.28
N VAL A 183 16.65 20.76 -9.38
CA VAL A 183 18.02 20.45 -9.02
C VAL A 183 18.13 19.02 -8.50
N ALA A 184 17.12 18.61 -7.73
CA ALA A 184 17.12 17.26 -7.16
C ALA A 184 16.89 16.22 -8.26
N ALA A 185 15.96 16.50 -9.16
CA ALA A 185 15.64 15.60 -10.25
C ALA A 185 16.84 15.27 -11.13
N GLU A 186 17.70 16.25 -11.39
CA GLU A 186 18.88 16.00 -12.21
C GLU A 186 20.09 15.62 -11.37
N LEU A 187 19.84 14.84 -10.33
CA LEU A 187 20.89 14.36 -9.42
C LEU A 187 21.73 15.52 -8.91
N ASP A 191 20.91 5.42 -6.27
CA ASP A 191 20.04 6.57 -6.48
C ASP A 191 19.02 6.63 -5.34
N LYS A 192 19.31 7.50 -4.39
CA LYS A 192 18.52 7.69 -3.18
C LYS A 192 17.12 8.28 -3.40
N PRO A 193 16.11 7.72 -2.72
CA PRO A 193 14.74 8.23 -2.86
C PRO A 193 14.65 9.62 -2.23
N TRP A 194 13.93 10.52 -2.87
CA TRP A 194 13.76 11.86 -2.33
C TRP A 194 12.35 12.31 -2.59
N PHE A 195 11.82 13.13 -1.69
CA PHE A 195 10.45 13.60 -1.83
C PHE A 195 10.35 15.10 -1.99
N ALA A 196 9.30 15.52 -2.70
CA ALA A 196 9.05 16.94 -2.92
C ALA A 196 8.08 17.31 -1.79
N ILE A 197 8.27 18.49 -1.20
CA ILE A 197 7.41 18.90 -0.09
C ILE A 197 7.21 20.40 -0.02
N GLY A 198 6.07 20.80 0.52
CA GLY A 198 5.79 22.22 0.67
C GLY A 198 4.55 22.71 -0.02
N GLY A 199 3.43 22.70 0.69
CA GLY A 199 2.16 23.17 0.13
C GLY A 199 1.64 22.40 -1.06
N ILE A 200 1.96 21.11 -1.12
CA ILE A 200 1.52 20.28 -2.24
C ILE A 200 0.11 19.76 -2.08
N ASN A 201 -0.64 19.75 -3.17
CA ASN A 201 -2.00 19.26 -3.18
C ASN A 201 -2.34 18.71 -4.57
N ALA A 202 -3.62 18.44 -4.79
CA ALA A 202 -4.07 17.90 -6.06
C ALA A 202 -3.76 18.85 -7.23
N GLN A 203 -4.22 20.10 -7.11
CA GLN A 203 -4.04 21.10 -8.15
C GLN A 203 -2.59 21.41 -8.52
N ARG A 204 -1.70 21.41 -7.53
CA ARG A 204 -0.29 21.71 -7.76
C ARG A 204 0.57 20.52 -8.13
N LEU A 205 0.05 19.31 -7.96
CA LEU A 205 0.83 18.13 -8.26
C LEU A 205 1.35 18.07 -9.70
N PRO A 206 0.55 18.51 -10.67
CA PRO A 206 1.06 18.47 -12.05
C PRO A 206 2.38 19.23 -12.20
N ALA A 207 2.47 20.38 -11.53
CA ALA A 207 3.68 21.21 -11.58
C ALA A 207 4.85 20.49 -10.91
N VAL A 208 4.56 19.78 -9.83
CA VAL A 208 5.59 19.05 -9.09
C VAL A 208 6.15 17.94 -9.94
N LEU A 209 5.27 17.22 -10.63
CA LEU A 209 5.73 16.14 -11.49
C LEU A 209 6.52 16.72 -12.67
N ASP A 210 6.07 17.88 -13.15
CA ASP A 210 6.74 18.58 -14.24
C ASP A 210 8.18 18.89 -13.88
N ALA A 211 8.40 19.36 -12.66
CA ALA A 211 9.72 19.71 -12.19
C ALA A 211 10.59 18.47 -12.01
N GLY A 212 10.01 17.30 -12.28
CA GLY A 212 10.78 16.07 -12.18
C GLY A 212 10.66 15.26 -10.90
N ALA A 213 9.70 15.62 -10.03
CA ALA A 213 9.52 14.90 -8.77
C ALA A 213 8.61 13.69 -9.00
N ARG A 214 8.96 12.56 -8.39
CA ARG A 214 8.16 11.35 -8.52
C ARG A 214 7.54 10.90 -7.19
N ARG A 215 7.98 11.53 -6.09
CA ARG A 215 7.47 11.23 -4.76
C ARG A 215 7.14 12.54 -4.05
N ILE A 216 6.13 12.51 -3.19
CA ILE A 216 5.72 13.72 -2.47
C ILE A 216 5.35 13.51 -1.01
N VAL A 217 5.50 14.57 -0.23
CA VAL A 217 5.12 14.55 1.17
C VAL A 217 3.98 15.55 1.22
N VAL A 218 2.85 15.15 1.79
CA VAL A 218 1.74 16.07 1.89
C VAL A 218 1.34 16.23 3.35
N VAL A 219 0.66 17.33 3.65
CA VAL A 219 0.20 17.57 5.01
C VAL A 219 -1.26 17.96 4.99
N ARG A 220 -1.54 19.25 4.86
CA ARG A 220 -2.92 19.75 4.86
C ARG A 220 -3.80 19.14 3.77
N ALA A 221 -3.20 18.74 2.66
CA ALA A 221 -3.93 18.13 1.54
C ALA A 221 -4.78 16.95 2.04
N ILE A 222 -4.27 16.21 3.02
CA ILE A 222 -5.01 15.09 3.59
C ILE A 222 -5.44 15.40 5.02
N THR A 223 -4.56 16.06 5.75
CA THR A 223 -4.79 16.41 7.14
C THR A 223 -6.08 17.19 7.44
N SER A 224 -6.49 18.08 6.54
CA SER A 224 -7.70 18.85 6.78
C SER A 224 -8.81 18.54 5.79
N ALA A 225 -8.73 17.37 5.16
CA ALA A 225 -9.74 16.96 4.19
C ALA A 225 -10.98 16.47 4.91
N ASP A 226 -12.14 16.58 4.26
CA ASP A 226 -13.38 16.09 4.85
C ASP A 226 -13.36 14.57 4.79
N ASP A 227 -12.65 14.04 3.79
CA ASP A 227 -12.53 12.59 3.61
C ASP A 227 -11.07 12.24 3.29
N PRO A 228 -10.26 12.04 4.34
CA PRO A 228 -8.84 11.70 4.20
C PRO A 228 -8.57 10.57 3.22
N ARG A 229 -9.34 9.49 3.33
CA ARG A 229 -9.17 8.35 2.44
C ARG A 229 -9.25 8.78 0.99
N ALA A 230 -10.37 9.41 0.62
CA ALA A 230 -10.56 9.85 -0.75
C ALA A 230 -9.46 10.83 -1.18
N ALA A 231 -9.14 11.79 -0.31
CA ALA A 231 -8.10 12.77 -0.62
C ALA A 231 -6.79 12.04 -0.93
N ALA A 232 -6.47 11.04 -0.13
CA ALA A 232 -5.25 10.26 -0.30
C ALA A 232 -5.28 9.43 -1.58
N GLU A 233 -6.39 8.73 -1.84
CA GLU A 233 -6.51 7.91 -3.05
C GLU A 233 -6.33 8.80 -4.28
N GLN A 234 -6.96 9.96 -4.26
CA GLN A 234 -6.85 10.89 -5.38
C GLN A 234 -5.39 11.26 -5.65
N LEU A 235 -4.65 11.60 -4.60
CA LEU A 235 -3.25 11.97 -4.77
C LEU A 235 -2.40 10.81 -5.28
N ARG A 236 -2.66 9.62 -4.76
CA ARG A 236 -1.91 8.43 -5.15
C ARG A 236 -2.22 8.01 -6.60
N SER A 237 -3.43 8.30 -7.06
CA SER A 237 -3.81 7.96 -8.43
C SER A 237 -3.00 8.80 -9.42
N ALA A 238 -2.90 10.09 -9.14
CA ALA A 238 -2.13 10.98 -10.01
C ALA A 238 -0.64 10.60 -9.94
N LEU A 239 -0.17 10.29 -8.73
CA LEU A 239 1.23 9.90 -8.53
C LEU A 239 1.64 8.69 -9.36
N THR A 240 0.91 7.59 -9.20
CA THR A 240 1.23 6.37 -9.94
C THR A 240 1.00 6.56 -11.44
N ALA A 241 0.15 7.53 -11.78
CA ALA A 241 -0.16 7.82 -13.18
C ALA A 241 0.98 8.53 -13.91
N ALA A 242 2.19 8.45 -13.37
CA ALA A 242 3.35 9.10 -13.99
C ALA A 242 4.53 8.12 -14.09
N MET B 22 -4.51 -8.57 12.08
CA MET B 22 -3.18 -8.77 11.45
C MET B 22 -3.13 -8.24 10.01
N HIS B 23 -3.95 -8.81 9.12
CA HIS B 23 -4.00 -8.36 7.73
C HIS B 23 -5.41 -7.96 7.32
N GLU B 24 -6.34 -8.01 8.27
CA GLU B 24 -7.73 -7.67 8.01
C GLU B 24 -7.91 -6.27 7.46
N SER B 25 -7.30 -5.30 8.12
CA SER B 25 -7.39 -3.91 7.72
C SER B 25 -6.93 -3.72 6.27
N ARG B 26 -5.78 -4.32 5.94
CA ARG B 26 -5.23 -4.23 4.58
C ARG B 26 -6.23 -4.89 3.63
N LEU B 27 -6.77 -6.01 4.06
CA LEU B 27 -7.75 -6.76 3.28
C LEU B 27 -9.00 -5.93 3.02
N ALA B 28 -9.59 -5.38 4.08
CA ALA B 28 -10.79 -4.56 3.99
C ALA B 28 -10.61 -3.35 3.09
N SER B 29 -9.43 -2.76 3.09
CA SER B 29 -9.19 -1.59 2.25
C SER B 29 -8.84 -1.96 0.80
N ALA B 30 -8.55 -3.23 0.56
CA ALA B 30 -8.20 -3.71 -0.79
C ALA B 30 -9.35 -3.52 -1.78
N ARG B 31 -9.03 -3.12 -3.00
CA ARG B 31 -10.07 -2.92 -4.02
C ARG B 31 -9.76 -3.61 -5.36
N LEU B 32 -8.48 -3.68 -5.72
CA LEU B 32 -8.03 -4.32 -6.95
C LEU B 32 -7.24 -5.58 -6.57
N TYR B 33 -7.75 -6.73 -7.00
CA TYR B 33 -7.16 -8.03 -6.69
C TYR B 33 -6.67 -8.67 -7.99
N LEU B 34 -5.39 -9.01 -8.05
CA LEU B 34 -4.87 -9.62 -9.26
C LEU B 34 -4.49 -11.09 -9.10
N CYS B 35 -4.88 -11.89 -10.08
CA CYS B 35 -4.54 -13.30 -10.10
C CYS B 35 -3.61 -13.51 -11.28
N THR B 36 -2.45 -14.06 -11.04
CA THR B 36 -1.49 -14.30 -12.10
C THR B 36 -0.90 -15.70 -12.00
N ASP B 37 -0.56 -16.25 -13.16
CA ASP B 37 0.09 -17.56 -13.24
C ASP B 37 1.55 -17.22 -12.98
N ALA B 38 2.43 -18.22 -12.96
CA ALA B 38 3.84 -18.00 -12.69
C ALA B 38 4.60 -17.51 -13.93
N ARG B 39 3.89 -17.37 -15.04
CA ARG B 39 4.47 -16.91 -16.30
C ARG B 39 5.79 -17.61 -16.64
N ARG B 40 5.83 -18.92 -16.40
CA ARG B 40 7.01 -19.73 -16.66
C ARG B 40 7.57 -19.57 -18.08
N GLU B 41 6.70 -19.36 -19.06
CA GLU B 41 7.15 -19.23 -20.44
C GLU B 41 7.72 -17.87 -20.82
N ARG B 42 7.40 -16.85 -20.04
CA ARG B 42 7.89 -15.50 -20.33
C ARG B 42 9.15 -15.20 -19.54
N GLY B 43 9.22 -15.71 -18.31
CA GLY B 43 10.39 -15.48 -17.47
C GLY B 43 10.47 -14.08 -16.90
N ASP B 44 9.35 -13.36 -16.92
CA ASP B 44 9.28 -11.98 -16.45
C ASP B 44 8.36 -11.78 -15.23
N LEU B 45 8.15 -12.82 -14.43
CA LEU B 45 7.27 -12.71 -13.26
C LEU B 45 7.58 -11.52 -12.35
N ALA B 46 8.83 -11.42 -11.90
CA ALA B 46 9.21 -10.32 -11.03
C ALA B 46 8.88 -8.95 -11.66
N GLN B 47 9.45 -8.69 -12.84
CA GLN B 47 9.21 -7.43 -13.53
C GLN B 47 7.72 -7.19 -13.75
N PHE B 48 6.98 -8.24 -14.10
CA PHE B 48 5.55 -8.09 -14.32
C PHE B 48 4.83 -7.70 -13.02
N ALA B 49 5.21 -8.34 -11.92
CA ALA B 49 4.61 -8.08 -10.61
C ALA B 49 4.90 -6.66 -10.12
N GLU B 50 6.10 -6.16 -10.42
CA GLU B 50 6.48 -4.80 -10.01
C GLU B 50 5.57 -3.79 -10.69
N ALA B 51 5.41 -3.94 -11.99
CA ALA B 51 4.59 -3.05 -12.80
C ALA B 51 3.14 -3.05 -12.34
N ALA B 52 2.60 -4.23 -12.04
CA ALA B 52 1.22 -4.32 -11.60
C ALA B 52 1.01 -3.76 -10.21
N LEU B 53 1.96 -3.98 -9.31
CA LEU B 53 1.82 -3.46 -7.97
C LEU B 53 2.03 -1.95 -8.02
N ALA B 54 3.07 -1.52 -8.73
CA ALA B 54 3.38 -0.10 -8.86
C ALA B 54 2.15 0.62 -9.41
N GLY B 55 1.34 -0.12 -10.16
CA GLY B 55 0.13 0.44 -10.73
C GLY B 55 -1.06 0.49 -9.79
N GLY B 56 -0.92 -0.07 -8.59
CA GLY B 56 -2.03 0.00 -7.65
C GLY B 56 -2.69 -1.29 -7.18
N VAL B 57 -2.21 -2.43 -7.63
CA VAL B 57 -2.80 -3.70 -7.19
C VAL B 57 -2.65 -3.85 -5.69
N ASP B 58 -3.76 -4.14 -5.02
CA ASP B 58 -3.77 -4.30 -3.57
C ASP B 58 -3.43 -5.72 -3.10
N ILE B 59 -3.86 -6.70 -3.87
CA ILE B 59 -3.61 -8.09 -3.54
C ILE B 59 -3.26 -8.85 -4.80
N ILE B 60 -2.25 -9.69 -4.70
CA ILE B 60 -1.84 -10.46 -5.86
C ILE B 60 -1.78 -11.93 -5.46
N GLN B 61 -2.47 -12.78 -6.22
CA GLN B 61 -2.50 -14.20 -5.96
C GLN B 61 -1.88 -15.01 -7.08
N LEU B 62 -1.10 -16.02 -6.69
CA LEU B 62 -0.48 -16.90 -7.67
C LEU B 62 -1.46 -18.04 -7.94
N ARG B 63 -1.93 -18.13 -9.17
CA ARG B 63 -2.86 -19.18 -9.58
C ARG B 63 -2.42 -19.60 -10.97
N ASP B 64 -1.64 -20.68 -11.03
CA ASP B 64 -1.10 -21.16 -12.29
C ASP B 64 -2.01 -22.11 -13.07
N LYS B 65 -3.04 -22.60 -12.41
CA LYS B 65 -4.00 -23.52 -13.03
C LYS B 65 -4.51 -23.00 -14.38
N GLY B 66 -4.44 -23.87 -15.40
CA GLY B 66 -4.91 -23.52 -16.75
C GLY B 66 -4.18 -22.44 -17.53
N SER B 67 -2.92 -22.18 -17.18
CA SER B 67 -2.14 -21.15 -17.85
C SER B 67 -1.34 -21.69 -19.04
N PRO B 68 -0.79 -20.78 -19.86
CA PRO B 68 0.00 -21.22 -21.02
C PRO B 68 1.15 -22.11 -20.56
N GLY B 69 1.71 -21.79 -19.39
CA GLY B 69 2.80 -22.58 -18.87
C GLY B 69 2.35 -24.02 -18.61
N GLU B 70 1.21 -24.15 -17.93
CA GLU B 70 0.67 -25.47 -17.63
C GLU B 70 0.49 -26.29 -18.91
N LEU B 71 -0.06 -25.65 -19.93
CA LEU B 71 -0.29 -26.31 -21.21
C LEU B 71 0.99 -26.84 -21.83
N ARG B 72 2.07 -26.07 -21.72
CA ARG B 72 3.35 -26.47 -22.32
C ARG B 72 4.28 -27.30 -21.46
N PHE B 73 4.30 -27.04 -20.15
CA PHE B 73 5.21 -27.73 -19.24
C PHE B 73 4.52 -28.60 -18.19
N GLY B 74 3.19 -28.61 -18.19
CA GLY B 74 2.48 -29.41 -17.20
C GLY B 74 2.27 -28.65 -15.90
N PRO B 75 1.56 -29.25 -14.94
CA PRO B 75 1.30 -28.58 -13.66
C PRO B 75 2.58 -28.07 -13.00
N LEU B 76 2.46 -26.93 -12.33
CA LEU B 76 3.57 -26.30 -11.63
C LEU B 76 4.04 -27.19 -10.47
N GLN B 77 5.35 -27.43 -10.40
CA GLN B 77 5.93 -28.26 -9.35
C GLN B 77 6.13 -27.45 -8.09
N ALA B 78 5.98 -28.10 -6.95
CA ALA B 78 6.12 -27.47 -5.64
C ALA B 78 7.36 -26.58 -5.49
N ARG B 79 8.51 -27.05 -5.96
CA ARG B 79 9.74 -26.27 -5.82
C ARG B 79 9.69 -24.96 -6.60
N ASP B 80 9.24 -25.01 -7.85
CA ASP B 80 9.16 -23.81 -8.67
C ASP B 80 8.08 -22.86 -8.15
N GLU B 81 6.99 -23.43 -7.68
CA GLU B 81 5.92 -22.64 -7.13
C GLU B 81 6.44 -21.86 -5.93
N LEU B 82 7.17 -22.55 -5.06
CA LEU B 82 7.75 -21.92 -3.88
C LEU B 82 8.62 -20.74 -4.29
N ALA B 83 9.51 -20.96 -5.26
CA ALA B 83 10.39 -19.90 -5.73
C ALA B 83 9.55 -18.72 -6.23
N ALA B 84 8.52 -19.01 -7.04
CA ALA B 84 7.65 -17.96 -7.56
C ALA B 84 6.96 -17.22 -6.41
N CYS B 85 6.52 -17.98 -5.40
CA CYS B 85 5.87 -17.40 -4.24
C CYS B 85 6.78 -16.45 -3.50
N GLU B 86 8.07 -16.79 -3.41
CA GLU B 86 9.01 -15.93 -2.71
C GLU B 86 9.13 -14.62 -3.45
N ILE B 87 9.25 -14.71 -4.76
CA ILE B 87 9.36 -13.53 -5.59
C ILE B 87 8.12 -12.64 -5.38
N LEU B 88 6.93 -13.23 -5.54
CA LEU B 88 5.68 -12.50 -5.40
C LEU B 88 5.42 -11.91 -4.01
N ALA B 89 5.77 -12.65 -2.97
CA ALA B 89 5.56 -12.20 -1.60
C ALA B 89 6.43 -11.00 -1.32
N ASP B 90 7.71 -11.14 -1.65
CA ASP B 90 8.67 -10.07 -1.45
C ASP B 90 8.24 -8.83 -2.23
N ALA B 91 7.81 -9.03 -3.47
CA ALA B 91 7.35 -7.91 -4.30
C ALA B 91 6.12 -7.24 -3.69
N ALA B 92 5.21 -8.02 -3.13
CA ALA B 92 4.00 -7.49 -2.53
C ALA B 92 4.28 -6.64 -1.31
N HIS B 93 5.06 -7.20 -0.40
CA HIS B 93 5.40 -6.54 0.84
C HIS B 93 6.21 -5.26 0.64
N ARG B 94 6.97 -5.20 -0.44
CA ARG B 94 7.76 -4.02 -0.73
C ARG B 94 6.85 -2.88 -1.19
N TYR B 95 5.61 -3.23 -1.54
CA TYR B 95 4.61 -2.23 -1.98
C TYR B 95 3.46 -2.12 -0.97
N GLY B 96 3.59 -2.77 0.18
CA GLY B 96 2.54 -2.72 1.17
C GLY B 96 1.27 -3.43 0.76
N ALA B 97 1.40 -4.37 -0.18
CA ALA B 97 0.25 -5.13 -0.67
C ALA B 97 0.29 -6.53 -0.05
N LEU B 98 -0.78 -7.32 -0.28
CA LEU B 98 -0.83 -8.67 0.26
C LEU B 98 -0.57 -9.74 -0.80
N PHE B 99 0.05 -10.84 -0.40
CA PHE B 99 0.32 -11.91 -1.33
C PHE B 99 -0.53 -13.12 -1.00
N ALA B 100 -1.13 -13.72 -2.02
CA ALA B 100 -1.98 -14.87 -1.85
C ALA B 100 -1.54 -16.08 -2.68
N VAL B 101 -1.69 -17.26 -2.07
CA VAL B 101 -1.36 -18.52 -2.69
C VAL B 101 -2.67 -19.27 -2.91
N ASN B 102 -2.77 -19.95 -4.04
CA ASN B 102 -3.98 -20.69 -4.31
C ASN B 102 -3.84 -22.17 -3.98
N ASP B 103 -4.86 -22.72 -3.34
CA ASP B 103 -4.92 -24.14 -3.02
C ASP B 103 -3.92 -24.75 -2.02
N ARG B 104 -2.63 -24.66 -2.31
CA ARG B 104 -1.63 -25.26 -1.43
C ARG B 104 -1.33 -24.52 -0.13
N ALA B 105 -1.80 -25.08 0.98
CA ALA B 105 -1.60 -24.47 2.29
C ALA B 105 -0.20 -24.75 2.82
N ASP B 106 0.45 -25.79 2.29
CA ASP B 106 1.78 -26.10 2.76
C ASP B 106 2.74 -25.09 2.16
N ILE B 107 2.46 -24.69 0.93
CA ILE B 107 3.30 -23.71 0.27
C ILE B 107 3.01 -22.34 0.87
N ALA B 108 1.73 -22.06 1.10
CA ALA B 108 1.33 -20.78 1.69
C ALA B 108 2.05 -20.57 3.00
N ARG B 109 2.13 -21.62 3.82
CA ARG B 109 2.82 -21.50 5.09
C ARG B 109 4.32 -21.35 4.94
N ALA B 110 4.92 -22.14 4.05
CA ALA B 110 6.37 -22.07 3.83
C ALA B 110 6.84 -20.75 3.24
N ALA B 111 6.05 -20.17 2.33
CA ALA B 111 6.40 -18.91 1.69
C ALA B 111 5.97 -17.70 2.52
N GLY B 112 5.36 -17.94 3.68
CA GLY B 112 4.90 -16.83 4.50
C GLY B 112 3.89 -15.97 3.74
N ALA B 113 2.90 -16.61 3.13
CA ALA B 113 1.88 -15.90 2.38
C ALA B 113 0.91 -15.25 3.37
N ASP B 114 0.29 -14.16 2.94
CA ASP B 114 -0.66 -13.44 3.78
C ASP B 114 -2.04 -14.06 3.62
N VAL B 115 -2.25 -14.66 2.45
CA VAL B 115 -3.53 -15.23 2.11
C VAL B 115 -3.44 -16.60 1.46
N LEU B 116 -4.45 -17.42 1.72
CA LEU B 116 -4.57 -18.74 1.12
C LEU B 116 -5.97 -18.74 0.53
N HIS B 117 -6.06 -18.82 -0.78
CA HIS B 117 -7.35 -18.83 -1.42
C HIS B 117 -7.75 -20.26 -1.76
N LEU B 118 -9.02 -20.58 -1.45
CA LEU B 118 -9.55 -21.91 -1.68
C LEU B 118 -10.81 -21.93 -2.53
N GLY B 119 -10.77 -22.70 -3.60
CA GLY B 119 -11.95 -22.86 -4.44
C GLY B 119 -12.83 -23.88 -3.71
N GLN B 120 -14.06 -24.07 -4.18
CA GLN B 120 -14.97 -25.02 -3.55
C GLN B 120 -14.44 -26.46 -3.52
N ARG B 121 -13.59 -26.81 -4.47
CA ARG B 121 -13.07 -28.16 -4.52
C ARG B 121 -11.69 -28.36 -3.88
N ASP B 122 -11.15 -27.29 -3.29
CA ASP B 122 -9.86 -27.36 -2.62
C ASP B 122 -10.11 -27.76 -1.17
N LEU B 123 -9.08 -27.68 -0.33
CA LEU B 123 -9.22 -28.05 1.07
C LEU B 123 -10.32 -27.28 1.79
N PRO B 124 -11.06 -27.97 2.65
CA PRO B 124 -12.13 -27.31 3.40
C PRO B 124 -11.47 -26.27 4.29
N VAL B 125 -12.15 -25.15 4.50
CA VAL B 125 -11.60 -24.08 5.31
C VAL B 125 -11.08 -24.53 6.66
N ASN B 126 -11.85 -25.34 7.39
CA ASN B 126 -11.38 -25.77 8.70
C ASN B 126 -10.07 -26.58 8.66
N VAL B 127 -9.87 -27.35 7.60
CA VAL B 127 -8.66 -28.14 7.50
C VAL B 127 -7.45 -27.23 7.29
N ALA B 128 -7.62 -26.22 6.44
CA ALA B 128 -6.56 -25.28 6.16
C ALA B 128 -6.15 -24.49 7.41
N ARG B 129 -7.13 -24.10 8.24
CA ARG B 129 -6.84 -23.37 9.47
C ARG B 129 -5.89 -24.17 10.36
N GLN B 130 -5.94 -25.49 10.22
CA GLN B 130 -5.10 -26.38 11.01
C GLN B 130 -3.64 -26.39 10.59
N ILE B 131 -3.38 -26.06 9.33
CA ILE B 131 -2.01 -26.06 8.83
C ILE B 131 -1.36 -24.67 8.81
N LEU B 132 -2.14 -23.67 8.43
CA LEU B 132 -1.68 -22.30 8.34
C LEU B 132 -1.27 -21.70 9.67
N ALA B 133 -0.46 -20.65 9.59
CA ALA B 133 -0.03 -19.93 10.79
C ALA B 133 -1.26 -19.11 11.13
N PRO B 134 -1.56 -18.96 12.43
CA PRO B 134 -2.73 -18.21 12.89
C PRO B 134 -3.04 -16.88 12.18
N ASP B 135 -2.03 -16.07 11.92
CA ASP B 135 -2.25 -14.78 11.26
C ASP B 135 -2.54 -14.82 9.77
N THR B 136 -2.56 -16.00 9.17
CA THR B 136 -2.83 -16.11 7.74
C THR B 136 -4.33 -16.02 7.46
N LEU B 137 -4.67 -15.33 6.37
CA LEU B 137 -6.06 -15.17 5.97
C LEU B 137 -6.48 -16.22 4.96
N ILE B 138 -7.79 -16.48 4.90
CA ILE B 138 -8.34 -17.45 3.96
C ILE B 138 -9.48 -16.87 3.13
N GLY B 139 -9.42 -17.08 1.82
CA GLY B 139 -10.47 -16.61 0.93
C GLY B 139 -11.16 -17.82 0.31
N ARG B 140 -12.40 -17.64 -0.16
CA ARG B 140 -13.15 -18.73 -0.78
C ARG B 140 -13.86 -18.25 -2.03
N SER B 141 -13.90 -19.11 -3.04
CA SER B 141 -14.59 -18.75 -4.26
C SER B 141 -16.00 -19.30 -4.09
N THR B 142 -16.99 -18.51 -4.48
CA THR B 142 -18.40 -18.93 -4.42
C THR B 142 -18.97 -18.73 -5.82
N HIS B 143 -19.89 -19.60 -6.22
CA HIS B 143 -20.47 -19.52 -7.56
C HIS B 143 -22.00 -19.50 -7.66
N ASP B 144 -22.69 -19.74 -6.56
CA ASP B 144 -24.15 -19.71 -6.59
C ASP B 144 -24.69 -18.99 -5.36
N PRO B 145 -25.96 -18.56 -5.40
CA PRO B 145 -26.56 -17.84 -4.27
C PRO B 145 -26.34 -18.54 -2.93
N ASP B 146 -26.38 -19.88 -2.95
CA ASP B 146 -26.19 -20.66 -1.73
C ASP B 146 -24.76 -20.59 -1.18
N GLN B 147 -23.78 -20.66 -2.06
CA GLN B 147 -22.38 -20.62 -1.65
C GLN B 147 -22.01 -19.25 -1.10
N VAL B 148 -22.58 -18.20 -1.69
CA VAL B 148 -22.34 -16.83 -1.24
C VAL B 148 -22.76 -16.73 0.22
N ALA B 149 -24.04 -17.00 0.47
CA ALA B 149 -24.61 -16.93 1.81
C ALA B 149 -23.82 -17.79 2.79
N ALA B 150 -23.31 -18.91 2.29
CA ALA B 150 -22.53 -19.83 3.13
C ALA B 150 -21.12 -19.28 3.39
N ALA B 151 -20.66 -18.40 2.51
CA ALA B 151 -19.33 -17.82 2.67
C ALA B 151 -19.41 -16.67 3.66
N ALA B 152 -20.47 -15.88 3.56
CA ALA B 152 -20.64 -14.77 4.47
C ALA B 152 -20.67 -15.29 5.90
N ALA B 153 -21.48 -16.31 6.13
CA ALA B 153 -21.64 -16.89 7.46
C ALA B 153 -20.46 -17.68 8.03
N GLY B 154 -19.59 -18.20 7.16
CA GLY B 154 -18.47 -19.00 7.62
C GLY B 154 -17.20 -18.37 8.18
N ASP B 155 -16.20 -19.22 8.37
CA ASP B 155 -14.90 -18.85 8.93
C ASP B 155 -13.91 -18.26 7.91
N ALA B 156 -14.35 -18.05 6.67
CA ALA B 156 -13.46 -17.47 5.65
C ALA B 156 -13.35 -15.97 5.89
N ASP B 157 -12.22 -15.38 5.53
CA ASP B 157 -12.02 -13.95 5.73
C ASP B 157 -12.53 -13.09 4.57
N TYR B 158 -12.70 -13.69 3.41
CA TYR B 158 -13.25 -12.98 2.26
C TYR B 158 -13.67 -14.03 1.26
N PHE B 159 -14.44 -13.63 0.26
CA PHE B 159 -14.85 -14.55 -0.77
C PHE B 159 -14.99 -13.86 -2.11
N CYS B 160 -14.94 -14.65 -3.17
CA CYS B 160 -15.06 -14.16 -4.54
C CYS B 160 -16.42 -14.56 -5.05
N VAL B 161 -16.96 -13.80 -6.00
CA VAL B 161 -18.28 -14.08 -6.57
C VAL B 161 -18.24 -14.09 -8.09
N GLY B 162 -18.45 -15.27 -8.67
CA GLY B 162 -18.42 -15.36 -10.12
C GLY B 162 -18.40 -16.79 -10.60
N PRO B 163 -18.06 -17.02 -11.87
CA PRO B 163 -17.69 -15.96 -12.82
C PRO B 163 -18.87 -15.04 -13.20
N CYS B 164 -18.56 -13.78 -13.48
CA CYS B 164 -19.59 -12.81 -13.86
C CYS B 164 -19.81 -12.89 -15.36
N TRP B 165 -18.86 -13.54 -16.04
CA TRP B 165 -18.91 -13.72 -17.48
C TRP B 165 -18.32 -15.08 -17.80
N PRO B 166 -18.66 -15.65 -18.95
CA PRO B 166 -18.13 -16.96 -19.34
C PRO B 166 -16.64 -16.89 -19.69
N ALA B 175 -22.15 -19.23 -16.81
CA ALA B 175 -21.67 -18.18 -15.91
C ALA B 175 -22.81 -17.58 -15.10
N PRO B 176 -22.73 -17.66 -13.76
CA PRO B 176 -23.76 -17.12 -12.86
C PRO B 176 -24.21 -15.71 -13.25
N GLY B 177 -23.27 -14.93 -13.79
CA GLY B 177 -23.57 -13.57 -14.23
C GLY B 177 -23.61 -12.54 -13.11
N LEU B 178 -23.83 -11.30 -13.49
CA LEU B 178 -23.88 -10.20 -12.54
C LEU B 178 -24.96 -10.43 -11.49
N GLY B 179 -25.95 -11.24 -11.84
CA GLY B 179 -27.04 -11.52 -10.91
C GLY B 179 -26.55 -11.97 -9.54
N LEU B 180 -25.49 -12.78 -9.53
CA LEU B 180 -24.94 -13.27 -8.27
C LEU B 180 -24.31 -12.11 -7.50
N VAL B 181 -23.69 -11.18 -8.25
CA VAL B 181 -23.06 -10.01 -7.64
C VAL B 181 -24.10 -9.21 -6.86
N ARG B 182 -25.29 -9.09 -7.43
CA ARG B 182 -26.40 -8.37 -6.81
C ARG B 182 -26.72 -9.00 -5.46
N VAL B 183 -26.83 -10.33 -5.47
CA VAL B 183 -27.12 -11.09 -4.27
C VAL B 183 -26.16 -10.71 -3.16
N ALA B 184 -24.88 -10.71 -3.48
CA ALA B 184 -23.84 -10.39 -2.52
C ALA B 184 -23.89 -8.94 -2.04
N ALA B 185 -24.18 -8.02 -2.97
CA ALA B 185 -24.24 -6.59 -2.65
C ALA B 185 -25.31 -6.26 -1.61
N GLU B 186 -26.14 -7.26 -1.30
CA GLU B 186 -27.22 -7.10 -0.32
C GLU B 186 -27.08 -8.18 0.75
N LEU B 187 -25.90 -8.20 1.38
CA LEU B 187 -25.60 -9.19 2.42
C LEU B 187 -25.95 -10.59 1.97
N ASP B 191 -19.05 -6.62 8.12
CA ASP B 191 -19.58 -6.80 6.78
C ASP B 191 -18.48 -7.31 5.84
N LYS B 192 -18.12 -8.58 6.01
CA LYS B 192 -17.09 -9.30 5.26
C LYS B 192 -16.77 -8.83 3.83
N PRO B 193 -15.48 -8.61 3.53
CA PRO B 193 -15.06 -8.18 2.19
C PRO B 193 -15.28 -9.28 1.15
N TRP B 194 -15.69 -8.89 -0.05
CA TRP B 194 -15.89 -9.87 -1.11
C TRP B 194 -15.58 -9.21 -2.43
N PHE B 195 -15.19 -10.00 -3.42
CA PHE B 195 -14.83 -9.45 -4.73
C PHE B 195 -15.65 -10.06 -5.85
N ALA B 196 -15.75 -9.34 -6.96
CA ALA B 196 -16.48 -9.82 -8.12
C ALA B 196 -15.40 -10.38 -9.05
N ILE B 197 -15.66 -11.53 -9.66
CA ILE B 197 -14.67 -12.13 -10.55
C ILE B 197 -15.30 -12.84 -11.75
N GLY B 198 -14.56 -12.92 -12.84
CA GLY B 198 -15.05 -13.58 -14.04
C GLY B 198 -15.06 -12.72 -15.28
N GLY B 199 -13.93 -12.65 -15.98
CA GLY B 199 -13.83 -11.87 -17.20
C GLY B 199 -14.12 -10.38 -17.07
N ILE B 200 -13.60 -9.78 -16.01
CA ILE B 200 -13.81 -8.36 -15.77
C ILE B 200 -12.66 -7.51 -16.30
N ASN B 201 -12.96 -6.61 -17.23
CA ASN B 201 -11.95 -5.71 -17.78
C ASN B 201 -12.46 -4.28 -17.62
N ALA B 202 -11.76 -3.31 -18.19
CA ALA B 202 -12.17 -1.92 -18.07
C ALA B 202 -13.56 -1.64 -18.65
N GLN B 203 -13.94 -2.36 -19.68
CA GLN B 203 -15.23 -2.17 -20.33
C GLN B 203 -16.41 -2.66 -19.49
N ARG B 204 -16.21 -3.77 -18.79
CA ARG B 204 -17.25 -4.36 -17.97
C ARG B 204 -17.35 -3.76 -16.57
N LEU B 205 -16.30 -3.07 -16.13
CA LEU B 205 -16.31 -2.51 -14.79
C LEU B 205 -17.57 -1.73 -14.44
N PRO B 206 -17.99 -0.80 -15.30
CA PRO B 206 -19.20 -0.01 -15.05
C PRO B 206 -20.39 -0.91 -14.68
N ALA B 207 -20.61 -1.94 -15.50
CA ALA B 207 -21.68 -2.88 -15.27
C ALA B 207 -21.50 -3.65 -13.95
N VAL B 208 -20.25 -3.87 -13.56
CA VAL B 208 -19.97 -4.59 -12.32
C VAL B 208 -20.29 -3.74 -11.10
N LEU B 209 -19.91 -2.48 -11.16
CA LEU B 209 -20.18 -1.55 -10.06
C LEU B 209 -21.69 -1.39 -9.89
N ASP B 210 -22.39 -1.27 -11.00
CA ASP B 210 -23.85 -1.13 -10.99
C ASP B 210 -24.50 -2.28 -10.24
N ALA B 211 -23.93 -3.47 -10.40
CA ALA B 211 -24.45 -4.68 -9.76
C ALA B 211 -24.30 -4.65 -8.24
N GLY B 212 -23.46 -3.76 -7.74
CA GLY B 212 -23.26 -3.65 -6.31
C GLY B 212 -21.89 -4.06 -5.78
N ALA B 213 -20.93 -4.27 -6.67
CA ALA B 213 -19.59 -4.66 -6.25
C ALA B 213 -18.70 -3.44 -6.07
N ARG B 214 -17.85 -3.47 -5.06
CA ARG B 214 -16.93 -2.37 -4.81
C ARG B 214 -15.51 -2.85 -5.03
N ARG B 215 -15.32 -4.16 -5.01
CA ARG B 215 -14.00 -4.77 -5.19
C ARG B 215 -14.04 -5.77 -6.34
N ILE B 216 -12.90 -5.94 -7.00
CA ILE B 216 -12.82 -6.86 -8.13
C ILE B 216 -11.52 -7.66 -8.22
N VAL B 217 -11.61 -8.79 -8.92
CA VAL B 217 -10.46 -9.63 -9.18
C VAL B 217 -10.37 -9.71 -10.69
N VAL B 218 -9.23 -9.34 -11.24
CA VAL B 218 -9.04 -9.38 -12.68
C VAL B 218 -7.86 -10.28 -13.00
N VAL B 219 -7.83 -10.79 -14.23
CA VAL B 219 -6.73 -11.65 -14.65
C VAL B 219 -6.16 -11.16 -15.99
N ARG B 220 -6.72 -11.63 -17.10
CA ARG B 220 -6.27 -11.24 -18.43
C ARG B 220 -6.20 -9.73 -18.62
N ALA B 221 -7.13 -9.00 -17.99
CA ALA B 221 -7.16 -7.55 -18.10
C ALA B 221 -5.80 -6.92 -17.85
N ILE B 222 -5.07 -7.42 -16.85
CA ILE B 222 -3.74 -6.88 -16.56
C ILE B 222 -2.67 -7.84 -17.04
N THR B 223 -2.95 -9.13 -16.88
CA THR B 223 -2.05 -10.20 -17.26
C THR B 223 -1.56 -10.17 -18.72
N SER B 224 -2.45 -9.86 -19.66
CA SER B 224 -2.03 -9.83 -21.05
C SER B 224 -1.97 -8.43 -21.67
N ALA B 225 -1.83 -7.41 -20.83
CA ALA B 225 -1.74 -6.03 -21.30
C ALA B 225 -0.29 -5.68 -21.62
N ASP B 226 -0.09 -4.86 -22.65
CA ASP B 226 1.26 -4.45 -23.04
C ASP B 226 1.90 -3.63 -21.93
N ASP B 227 1.07 -2.89 -21.20
CA ASP B 227 1.55 -2.07 -20.10
C ASP B 227 0.71 -2.42 -18.88
N PRO B 228 1.14 -3.44 -18.13
CA PRO B 228 0.47 -3.92 -16.92
C PRO B 228 0.23 -2.82 -15.89
N ARG B 229 1.24 -1.98 -15.69
CA ARG B 229 1.14 -0.89 -14.73
C ARG B 229 0.01 0.05 -15.13
N ALA B 230 -0.04 0.39 -16.42
CA ALA B 230 -1.07 1.28 -16.95
C ALA B 230 -2.48 0.72 -16.81
N ALA B 231 -2.64 -0.55 -17.14
CA ALA B 231 -3.95 -1.20 -17.04
C ALA B 231 -4.44 -1.21 -15.60
N ALA B 232 -3.51 -1.38 -14.67
CA ALA B 232 -3.83 -1.42 -13.25
C ALA B 232 -4.35 -0.06 -12.76
N GLU B 233 -3.67 1.02 -13.12
CA GLU B 233 -4.07 2.37 -12.71
C GLU B 233 -5.45 2.66 -13.26
N GLN B 234 -5.62 2.42 -14.55
CA GLN B 234 -6.90 2.63 -15.21
C GLN B 234 -8.03 1.99 -14.42
N LEU B 235 -7.88 0.70 -14.13
CA LEU B 235 -8.86 -0.07 -13.37
C LEU B 235 -9.08 0.44 -11.95
N ARG B 236 -8.00 0.71 -11.22
CA ARG B 236 -8.13 1.17 -9.85
C ARG B 236 -8.80 2.55 -9.74
N SER B 237 -8.53 3.42 -10.70
CA SER B 237 -9.14 4.75 -10.68
C SER B 237 -10.64 4.62 -10.86
N ALA B 238 -11.05 3.86 -11.87
CA ALA B 238 -12.46 3.66 -12.13
C ALA B 238 -13.12 3.13 -10.86
N LEU B 239 -12.35 2.39 -10.05
CA LEU B 239 -12.86 1.84 -8.80
C LEU B 239 -13.00 2.91 -7.74
N THR B 240 -11.92 3.64 -7.48
CA THR B 240 -11.95 4.70 -6.48
C THR B 240 -12.83 5.83 -6.99
N ALA B 241 -14.11 5.55 -7.13
CA ALA B 241 -15.09 6.52 -7.62
C ALA B 241 -16.49 5.92 -7.45
N ALA B 242 -16.75 5.37 -6.27
CA ALA B 242 -18.03 4.75 -5.94
C ALA B 242 -18.06 4.30 -4.48
#